data_4H0I
#
_entry.id   4H0I
#
_cell.length_a   80.270
_cell.length_b   80.270
_cell.length_c   75.100
_cell.angle_alpha   90.00
_cell.angle_beta   90.00
_cell.angle_gamma   120.00
#
_symmetry.space_group_name_H-M   'P 31 2 1'
#
loop_
_entity.id
_entity.type
_entity.pdbx_description
1 polymer '2D10 scFv'
2 non-polymer 'methyl alpha-D-mannopyranoside'
3 non-polymer 'MAGNESIUM ION'
4 water water
#
_entity_poly.entity_id   1
_entity_poly.type   'polypeptide(L)'
_entity_poly.pdbx_seq_one_letter_code
;MEIQLQQSGPELVKPGASVKISCKASGYSFTDYIMLWVKQSHGKSLEWIGNINPYYGSTSYNLKFKGKATLTVDKSSSTA
YMQLNSLTSEDSAVYYCARKNYYGSSLDYWGQGTTLTVSSAKTTGGGGSGGGGSGGGGSDVVMTQTPFSLPVSLGDQASI
SCRSSQSLVHSNGNTYLHWYLQKPGQSPKLLIYKVSNRFSGVPDRFSGSGSGTDFTLKISRVEAEDLGVYFCSQSTHVPY
TFGGGTKLEIK
;
_entity_poly.pdbx_strand_id   A
#
loop_
_chem_comp.id
_chem_comp.type
_chem_comp.name
_chem_comp.formula
MG non-polymer 'MAGNESIUM ION' 'Mg 2'
MMA D-saccharide 'methyl alpha-D-mannopyranoside' 'C7 H14 O6'
#
# COMPACT_ATOMS: atom_id res chain seq x y z
N MET A 1 20.86 -5.90 -6.25
CA MET A 1 19.72 -5.60 -7.17
C MET A 1 18.76 -6.79 -7.25
N GLU A 2 17.65 -6.71 -6.52
CA GLU A 2 16.65 -7.78 -6.51
C GLU A 2 15.23 -7.22 -6.57
N ILE A 3 15.17 -5.94 -6.85
CA ILE A 3 14.00 -5.06 -6.94
C ILE A 3 14.03 -4.35 -5.64
N GLN A 4 14.43 -3.11 -5.80
CA GLN A 4 14.55 -2.23 -4.70
C GLN A 4 13.94 -0.91 -5.13
N LEU A 5 13.26 -0.29 -4.18
CA LEU A 5 12.64 1.01 -4.38
C LEU A 5 13.17 1.75 -3.19
N GLN A 6 14.08 2.66 -3.46
CA GLN A 6 14.73 3.44 -2.43
C GLN A 6 14.22 4.87 -2.48
N GLN A 7 13.43 5.26 -1.48
CA GLN A 7 12.89 6.61 -1.46
C GLN A 7 13.85 7.56 -0.76
N SER A 8 13.73 8.86 -1.05
CA SER A 8 14.58 9.88 -0.45
C SER A 8 14.39 9.93 1.07
N GLY A 9 15.22 10.72 1.75
CA GLY A 9 15.16 10.80 3.20
C GLY A 9 14.10 11.65 3.86
N PRO A 10 13.98 11.56 5.20
CA PRO A 10 13.00 12.31 5.99
C PRO A 10 12.95 13.79 5.59
N GLU A 11 11.78 14.39 5.73
CA GLU A 11 11.58 15.79 5.38
C GLU A 11 10.92 16.59 6.50
N LEU A 12 11.45 17.78 6.74
CA LEU A 12 10.91 18.68 7.72
C LEU A 12 10.76 19.96 6.91
N VAL A 13 9.52 20.32 6.57
CA VAL A 13 9.33 21.50 5.76
C VAL A 13 8.38 22.51 6.39
N LYS A 14 8.35 23.70 5.82
CA LYS A 14 7.51 24.76 6.31
C LYS A 14 6.15 24.77 5.62
N PRO A 15 5.09 25.08 6.37
CA PRO A 15 3.77 25.10 5.75
C PRO A 15 3.77 26.00 4.51
N GLY A 16 2.99 25.62 3.50
CA GLY A 16 2.92 26.41 2.29
C GLY A 16 4.05 26.12 1.32
N ALA A 17 5.04 25.40 1.81
CA ALA A 17 6.20 25.03 1.01
C ALA A 17 5.86 23.80 0.17
N SER A 18 6.82 23.34 -0.61
CA SER A 18 6.65 22.16 -1.44
C SER A 18 7.78 21.19 -1.17
N VAL A 19 7.52 19.90 -1.36
CA VAL A 19 8.52 18.85 -1.18
C VAL A 19 8.50 17.98 -2.43
N LYS A 20 9.58 17.27 -2.65
CA LYS A 20 9.61 16.41 -3.80
C LYS A 20 10.31 15.10 -3.50
N ILE A 21 9.53 14.14 -2.99
CA ILE A 21 10.02 12.82 -2.64
C ILE A 21 10.40 12.04 -3.91
N SER A 22 11.43 11.19 -3.80
CA SER A 22 11.86 10.43 -4.96
C SER A 22 11.91 8.93 -4.71
N CYS A 23 11.72 8.15 -5.78
CA CYS A 23 11.79 6.70 -5.68
C CYS A 23 12.66 6.16 -6.78
N LYS A 24 13.84 5.69 -6.38
CA LYS A 24 14.82 5.14 -7.31
C LYS A 24 14.65 3.63 -7.40
N ALA A 25 14.34 3.15 -8.59
CA ALA A 25 14.14 1.72 -8.81
C ALA A 25 15.38 0.99 -9.30
N SER A 26 15.45 -0.29 -9.01
CA SER A 26 16.56 -1.15 -9.43
C SER A 26 16.17 -2.61 -9.28
N GLY A 27 16.71 -3.46 -10.14
CA GLY A 27 16.39 -4.87 -10.07
C GLY A 27 15.35 -5.24 -11.09
N TYR A 28 14.79 -4.26 -11.78
CA TYR A 28 13.80 -4.54 -12.81
C TYR A 28 13.77 -3.45 -13.86
N SER A 29 12.97 -3.67 -14.90
CA SER A 29 12.81 -2.72 -15.98
C SER A 29 11.79 -1.67 -15.54
N PHE A 30 12.31 -0.55 -15.05
CA PHE A 30 11.54 0.57 -14.57
C PHE A 30 10.35 0.88 -15.48
N THR A 31 10.64 1.04 -16.75
CA THR A 31 9.65 1.37 -17.76
C THR A 31 8.56 0.31 -17.97
N ASP A 32 8.77 -0.91 -17.49
CA ASP A 32 7.79 -1.98 -17.67
C ASP A 32 6.78 -2.19 -16.53
N TYR A 33 6.79 -1.32 -15.54
CA TYR A 33 5.87 -1.46 -14.42
C TYR A 33 5.33 -0.12 -13.94
N ILE A 34 4.04 -0.12 -13.62
CA ILE A 34 3.40 1.07 -13.13
C ILE A 34 3.93 1.39 -11.75
N MET A 35 4.12 2.67 -11.47
CA MET A 35 4.57 3.06 -10.14
C MET A 35 3.40 3.73 -9.46
N LEU A 36 3.05 3.21 -8.28
CA LEU A 36 1.94 3.73 -7.52
C LEU A 36 2.41 4.34 -6.20
N TRP A 37 1.72 5.39 -5.75
CA TRP A 37 2.09 6.04 -4.50
C TRP A 37 0.98 5.93 -3.47
N VAL A 38 1.39 5.78 -2.21
CA VAL A 38 0.44 5.63 -1.12
C VAL A 38 0.76 6.58 0.01
N LYS A 39 -0.28 7.07 0.68
CA LYS A 39 -0.10 7.95 1.81
C LYS A 39 -0.62 7.27 3.07
N GLN A 40 0.13 7.38 4.15
CA GLN A 40 -0.27 6.78 5.41
C GLN A 40 0.00 7.71 6.60
N SER A 41 -1.05 8.34 7.09
CA SER A 41 -0.92 9.24 8.22
C SER A 41 -0.84 8.36 9.41
N HIS A 42 -0.15 8.88 10.38
CA HIS A 42 0.03 8.14 11.59
C HIS A 42 -1.12 7.36 12.01
N GLY A 43 -0.88 6.05 12.16
CA GLY A 43 -1.88 5.15 12.68
C GLY A 43 -3.07 4.90 11.79
N LYS A 44 -3.12 5.67 10.70
CA LYS A 44 -4.20 5.59 9.69
C LYS A 44 -3.96 4.54 8.58
N SER A 45 -4.99 4.28 7.78
CA SER A 45 -4.85 3.29 6.74
C SER A 45 -4.15 3.87 5.55
N LEU A 46 -4.00 3.06 4.51
CA LEU A 46 -3.32 3.49 3.31
C LEU A 46 -4.26 4.21 2.35
N GLU A 47 -3.78 5.30 1.78
CA GLU A 47 -4.57 6.07 0.83
C GLU A 47 -3.86 6.05 -0.50
N TRP A 48 -4.55 5.60 -1.54
CA TRP A 48 -3.95 5.58 -2.85
C TRP A 48 -3.86 7.03 -3.30
N ILE A 49 -2.66 7.48 -3.63
CA ILE A 49 -2.50 8.86 -4.08
C ILE A 49 -2.68 8.93 -5.58
N GLY A 50 -2.07 7.99 -6.28
CA GLY A 50 -2.17 7.95 -7.73
C GLY A 50 -1.01 7.17 -8.30
N ASN A 51 -1.08 6.86 -9.59
CA ASN A 51 0.01 6.12 -10.22
C ASN A 51 0.43 6.72 -11.55
N ILE A 52 1.60 6.30 -11.99
CA ILE A 52 2.16 6.77 -13.24
C ILE A 52 2.76 5.63 -14.03
N ASN A 53 2.62 5.71 -15.35
CA ASN A 53 3.16 4.71 -16.26
C ASN A 53 4.47 5.30 -16.73
N PRO A 54 5.59 4.92 -16.10
CA PRO A 54 6.93 5.43 -16.44
C PRO A 54 7.18 5.43 -17.94
N TYR A 55 6.43 4.59 -18.64
CA TYR A 55 6.59 4.49 -20.06
C TYR A 55 6.09 5.71 -20.82
N TYR A 56 4.91 6.20 -20.45
CA TYR A 56 4.34 7.35 -21.14
C TYR A 56 4.40 8.63 -20.34
N GLY A 57 4.50 8.50 -19.02
CA GLY A 57 4.52 9.68 -18.18
C GLY A 57 3.07 9.98 -17.91
N SER A 58 2.21 9.04 -18.28
CA SER A 58 0.77 9.18 -18.09
C SER A 58 0.44 8.90 -16.62
N THR A 59 -0.50 9.69 -16.07
CA THR A 59 -0.87 9.56 -14.68
C THR A 59 -2.38 9.50 -14.47
N SER A 60 -2.77 9.13 -13.25
CA SER A 60 -4.17 9.08 -12.85
C SER A 60 -4.13 9.22 -11.34
N TYR A 61 -4.87 10.18 -10.81
CA TYR A 61 -4.87 10.40 -9.38
C TYR A 61 -6.16 10.06 -8.70
N ASN A 62 -6.07 10.03 -7.38
CA ASN A 62 -7.22 9.82 -6.52
C ASN A 62 -7.79 11.23 -6.53
N LEU A 63 -9.07 11.39 -6.80
CA LEU A 63 -9.69 12.72 -6.85
C LEU A 63 -9.24 13.60 -5.68
N LYS A 64 -9.02 12.97 -4.54
CA LYS A 64 -8.61 13.66 -3.33
C LYS A 64 -7.23 14.32 -3.40
N PHE A 65 -6.34 13.75 -4.20
CA PHE A 65 -4.98 14.28 -4.30
C PHE A 65 -4.69 15.03 -5.59
N LYS A 66 -5.66 15.09 -6.49
CA LYS A 66 -5.46 15.76 -7.76
C LYS A 66 -5.38 17.27 -7.60
N GLY A 67 -4.24 17.84 -8.00
CA GLY A 67 -4.05 19.27 -7.86
C GLY A 67 -3.19 19.52 -6.65
N LYS A 68 -2.91 18.45 -5.91
CA LYS A 68 -2.10 18.50 -4.69
C LYS A 68 -0.75 17.79 -4.87
N ALA A 69 -0.81 16.60 -5.45
CA ALA A 69 0.41 15.83 -5.68
C ALA A 69 0.65 15.75 -7.16
N THR A 70 1.91 15.76 -7.56
CA THR A 70 2.25 15.66 -8.96
C THR A 70 3.25 14.54 -9.15
N LEU A 71 2.87 13.54 -9.93
CA LEU A 71 3.73 12.40 -10.20
C LEU A 71 4.49 12.57 -11.51
N THR A 72 5.80 12.33 -11.45
CA THR A 72 6.66 12.43 -12.61
C THR A 72 7.64 11.27 -12.59
N VAL A 73 8.31 11.07 -13.72
CA VAL A 73 9.29 10.01 -13.85
C VAL A 73 10.51 10.48 -14.63
N ASP A 74 11.67 9.97 -14.26
CA ASP A 74 12.91 10.29 -14.95
C ASP A 74 13.42 8.95 -15.46
N LYS A 75 12.98 8.58 -16.66
CA LYS A 75 13.38 7.31 -17.26
C LYS A 75 14.88 7.10 -17.29
N SER A 76 15.61 8.06 -17.85
CA SER A 76 17.06 7.94 -17.93
C SER A 76 17.66 7.50 -16.61
N SER A 77 16.89 7.61 -15.53
CA SER A 77 17.39 7.24 -14.22
C SER A 77 16.63 6.17 -13.43
N SER A 78 15.45 5.79 -13.90
CA SER A 78 14.63 4.79 -13.19
C SER A 78 14.21 5.36 -11.85
N THR A 79 13.87 6.64 -11.86
CA THR A 79 13.45 7.31 -10.64
C THR A 79 12.12 7.99 -10.89
N ALA A 80 11.16 7.75 -10.00
CA ALA A 80 9.86 8.38 -10.10
C ALA A 80 9.73 9.39 -8.96
N TYR A 81 9.04 10.50 -9.23
CA TYR A 81 8.87 11.53 -8.22
C TYR A 81 7.42 11.85 -7.91
N MET A 82 7.22 12.44 -6.74
CA MET A 82 5.91 12.90 -6.28
C MET A 82 6.16 14.24 -5.62
N GLN A 83 5.50 15.28 -6.10
CA GLN A 83 5.69 16.58 -5.51
C GLN A 83 4.42 17.00 -4.80
N LEU A 84 4.59 17.57 -3.62
CA LEU A 84 3.48 18.03 -2.80
C LEU A 84 3.56 19.55 -2.69
N ASN A 85 2.45 20.23 -2.92
CA ASN A 85 2.45 21.68 -2.85
C ASN A 85 1.59 22.23 -1.72
N SER A 86 1.83 23.49 -1.37
CA SER A 86 1.09 24.16 -0.32
C SER A 86 0.95 23.19 0.86
N LEU A 87 2.08 22.79 1.42
CA LEU A 87 2.09 21.86 2.52
C LEU A 87 1.36 22.32 3.77
N THR A 88 0.69 21.36 4.38
CA THR A 88 -0.11 21.60 5.57
C THR A 88 0.20 20.56 6.64
N SER A 89 -0.09 20.88 7.89
CA SER A 89 0.12 19.97 9.00
C SER A 89 -0.56 18.63 8.69
N GLU A 90 -1.60 18.70 7.87
CA GLU A 90 -2.36 17.50 7.50
C GLU A 90 -1.64 16.60 6.50
N ASP A 91 -0.60 17.11 5.87
CA ASP A 91 0.16 16.34 4.90
C ASP A 91 1.31 15.63 5.60
N SER A 92 1.41 15.78 6.92
CA SER A 92 2.46 15.10 7.67
C SER A 92 2.12 13.63 7.75
N ALA A 93 2.81 12.83 6.94
CA ALA A 93 2.54 11.40 6.91
C ALA A 93 3.78 10.69 6.43
N VAL A 94 3.61 9.41 6.16
CA VAL A 94 4.68 8.59 5.63
C VAL A 94 4.18 8.21 4.26
N TYR A 95 4.97 8.55 3.24
CA TYR A 95 4.60 8.25 1.86
C TYR A 95 5.41 7.07 1.33
N TYR A 96 4.75 6.23 0.55
CA TYR A 96 5.40 5.06 -0.02
C TYR A 96 5.23 5.07 -1.52
N CYS A 97 6.11 4.36 -2.20
CA CYS A 97 5.99 4.22 -3.63
C CYS A 97 6.03 2.72 -3.76
N ALA A 98 5.29 2.17 -4.71
CA ALA A 98 5.24 0.73 -4.85
C ALA A 98 4.99 0.34 -6.28
N ARG A 99 5.62 -0.74 -6.71
CA ARG A 99 5.47 -1.23 -8.05
C ARG A 99 4.21 -2.09 -8.12
N LYS A 100 3.41 -1.89 -9.16
CA LYS A 100 2.20 -2.68 -9.33
C LYS A 100 2.39 -3.55 -10.57
N ASN A 101 2.28 -4.87 -10.40
CA ASN A 101 2.45 -5.77 -11.53
C ASN A 101 1.16 -5.87 -12.32
N TYR A 102 1.21 -6.60 -13.42
CA TYR A 102 0.03 -6.74 -14.26
C TYR A 102 -0.69 -8.08 -14.06
N TYR A 103 0.07 -9.16 -13.91
CA TYR A 103 -0.54 -10.46 -13.74
C TYR A 103 -1.48 -10.50 -12.54
N GLY A 104 -1.10 -9.82 -11.46
CA GLY A 104 -1.96 -9.82 -10.29
C GLY A 104 -2.40 -8.45 -9.82
N SER A 105 -2.01 -7.43 -10.58
CA SER A 105 -2.29 -6.04 -10.27
C SER A 105 -2.26 -5.81 -8.77
N SER A 106 -1.18 -6.27 -8.15
CA SER A 106 -0.97 -6.12 -6.71
C SER A 106 0.31 -5.33 -6.57
N LEU A 107 0.56 -4.82 -5.37
CA LEU A 107 1.77 -4.06 -5.14
C LEU A 107 2.80 -5.04 -4.60
N ASP A 108 3.62 -5.60 -5.48
CA ASP A 108 4.61 -6.57 -5.05
C ASP A 108 5.90 -6.00 -4.47
N TYR A 109 6.20 -4.75 -4.73
CA TYR A 109 7.41 -4.16 -4.15
C TYR A 109 7.19 -2.73 -3.67
N TRP A 110 7.49 -2.51 -2.39
CA TRP A 110 7.33 -1.21 -1.75
C TRP A 110 8.66 -0.58 -1.36
N GLY A 111 8.68 0.74 -1.34
CA GLY A 111 9.87 1.47 -0.94
C GLY A 111 9.86 1.46 0.58
N GLN A 112 10.91 1.97 1.21
CA GLN A 112 10.96 1.96 2.67
C GLN A 112 10.03 3.02 3.28
N GLY A 113 9.65 4.00 2.48
CA GLY A 113 8.79 5.06 2.98
C GLY A 113 9.57 6.32 3.27
N THR A 114 8.88 7.46 3.18
CA THR A 114 9.50 8.75 3.43
C THR A 114 8.60 9.52 4.37
N THR A 115 9.12 9.81 5.56
CA THR A 115 8.36 10.55 6.54
C THR A 115 8.42 12.03 6.23
N LEU A 116 7.25 12.66 6.19
CA LEU A 116 7.15 14.07 5.91
C LEU A 116 6.55 14.76 7.12
N THR A 117 7.25 15.77 7.62
CA THR A 117 6.78 16.51 8.76
C THR A 117 6.62 17.96 8.33
N VAL A 118 5.39 18.44 8.30
CA VAL A 118 5.14 19.82 7.94
C VAL A 118 5.09 20.59 9.25
N SER A 119 6.00 21.55 9.39
CA SER A 119 6.08 22.33 10.61
C SER A 119 7.19 23.38 10.53
N SER A 120 7.12 24.36 11.42
CA SER A 120 8.08 25.44 11.47
C SER A 120 9.08 25.23 12.60
N ALA A 121 8.98 24.09 13.26
CA ALA A 121 9.89 23.75 14.34
C ALA A 121 11.11 23.35 13.56
N LYS A 122 12.28 23.34 14.16
CA LYS A 122 13.32 22.94 13.24
C LYS A 122 13.98 21.63 13.49
N THR A 123 13.42 20.87 14.44
CA THR A 123 13.90 19.52 14.71
C THR A 123 12.66 18.69 15.04
N THR A 124 12.80 17.36 14.93
CA THR A 124 11.69 16.47 15.19
C THR A 124 11.69 16.03 16.66
N GLY A 138 -19.11 8.44 -2.73
CA GLY A 138 -19.81 8.28 -3.99
C GLY A 138 -19.88 6.84 -4.48
N SER A 139 -19.18 6.61 -5.57
CA SER A 139 -19.24 5.30 -6.16
C SER A 139 -17.99 4.49 -5.84
N ASP A 140 -17.07 4.98 -5.02
CA ASP A 140 -15.89 4.15 -4.74
C ASP A 140 -16.14 2.91 -3.94
N VAL A 141 -15.45 1.80 -4.24
CA VAL A 141 -15.70 0.59 -3.45
C VAL A 141 -15.20 0.63 -1.97
N VAL A 142 -16.04 0.23 -1.00
CA VAL A 142 -15.59 0.28 0.39
C VAL A 142 -15.08 -1.09 0.82
N MET A 143 -14.01 -1.07 1.60
CA MET A 143 -13.41 -2.29 2.10
C MET A 143 -13.50 -2.19 3.61
N THR A 144 -14.23 -3.11 4.22
CA THR A 144 -14.38 -3.11 5.67
C THR A 144 -13.70 -4.36 6.24
N GLN A 145 -12.73 -4.13 7.11
CA GLN A 145 -11.98 -5.21 7.74
C GLN A 145 -12.49 -5.46 9.16
N THR A 146 -12.67 -6.73 9.49
CA THR A 146 -13.14 -7.14 10.80
C THR A 146 -12.35 -8.34 11.30
N PRO A 147 -11.89 -8.31 12.55
CA PRO A 147 -12.07 -7.21 13.51
C PRO A 147 -11.02 -6.11 13.31
N PHE A 148 -11.07 -5.10 14.17
CA PHE A 148 -10.13 -3.98 14.13
C PHE A 148 -8.80 -4.42 14.69
N SER A 149 -8.86 -5.13 15.81
CA SER A 149 -7.67 -5.59 16.47
C SER A 149 -7.81 -7.04 16.86
N LEU A 150 -6.69 -7.75 16.82
CA LEU A 150 -6.71 -9.15 17.16
C LEU A 150 -5.66 -9.56 18.17
N PRO A 151 -6.03 -9.61 19.47
CA PRO A 151 -5.04 -10.01 20.47
C PRO A 151 -5.01 -11.52 20.56
N VAL A 152 -3.79 -12.08 20.52
CA VAL A 152 -3.65 -13.53 20.59
C VAL A 152 -2.48 -13.88 21.46
N SER A 153 -2.36 -15.19 21.71
CA SER A 153 -1.23 -15.67 22.48
C SER A 153 -0.59 -16.41 21.32
N LEU A 154 0.74 -16.41 21.20
CA LEU A 154 1.31 -17.11 20.04
C LEU A 154 0.90 -18.58 19.87
N GLY A 155 1.10 -19.13 18.67
CA GLY A 155 0.70 -20.51 18.48
C GLY A 155 -0.82 -20.53 18.32
N ASP A 156 -1.44 -19.37 18.52
CA ASP A 156 -2.89 -19.26 18.37
C ASP A 156 -3.25 -19.14 16.88
N GLN A 157 -4.50 -19.43 16.56
CA GLN A 157 -4.94 -19.32 15.19
C GLN A 157 -5.67 -18.01 14.99
N ALA A 158 -5.30 -17.29 13.94
CA ALA A 158 -5.92 -16.01 13.64
C ALA A 158 -6.81 -16.16 12.42
N SER A 159 -7.88 -15.37 12.39
CA SER A 159 -8.80 -15.39 11.27
C SER A 159 -9.36 -13.98 11.11
N ILE A 160 -8.93 -13.29 10.07
CA ILE A 160 -9.37 -11.93 9.79
C ILE A 160 -10.30 -11.92 8.58
N SER A 161 -11.30 -11.05 8.61
CA SER A 161 -12.25 -10.98 7.51
C SER A 161 -12.27 -9.62 6.83
N CYS A 162 -12.49 -9.62 5.53
CA CYS A 162 -12.51 -8.40 4.74
C CYS A 162 -13.73 -8.42 3.84
N ARG A 163 -14.47 -7.31 3.84
CA ARG A 163 -15.67 -7.21 3.04
C ARG A 163 -15.72 -5.97 2.15
N SER A 164 -16.17 -6.15 0.92
CA SER A 164 -16.26 -5.04 -0.03
C SER A 164 -17.72 -4.70 -0.36
N SER A 165 -17.98 -3.43 -0.62
CA SER A 165 -19.32 -2.93 -0.94
C SER A 165 -19.83 -3.43 -2.29
N GLN A 166 -18.93 -3.93 -3.13
CA GLN A 166 -19.31 -4.43 -4.43
C GLN A 166 -18.61 -5.74 -4.68
N SER A 167 -19.13 -6.53 -5.61
CA SER A 167 -18.50 -7.78 -5.95
C SER A 167 -17.13 -7.40 -6.50
N LEU A 168 -16.13 -8.25 -6.28
CA LEU A 168 -14.80 -7.95 -6.78
C LEU A 168 -14.41 -8.89 -7.91
N VAL A 169 -15.40 -9.56 -8.49
CA VAL A 169 -15.11 -10.45 -9.60
C VAL A 169 -14.90 -9.54 -10.81
N HIS A 170 -13.94 -9.90 -11.64
CA HIS A 170 -13.63 -9.12 -12.83
C HIS A 170 -14.14 -9.85 -14.07
N SER A 171 -14.36 -9.11 -15.13
CA SER A 171 -14.85 -9.69 -16.37
C SER A 171 -14.04 -10.94 -16.76
N ASN A 172 -12.72 -10.86 -16.59
CA ASN A 172 -11.84 -11.99 -16.94
C ASN A 172 -12.02 -13.21 -16.03
N GLY A 173 -12.89 -13.09 -15.03
CA GLY A 173 -13.12 -14.20 -14.13
C GLY A 173 -12.18 -14.27 -12.95
N ASN A 174 -11.38 -13.22 -12.76
CA ASN A 174 -10.43 -13.17 -11.65
C ASN A 174 -10.90 -12.13 -10.64
N THR A 175 -10.52 -12.33 -9.38
CA THR A 175 -10.90 -11.42 -8.29
C THR A 175 -9.65 -10.79 -7.69
N TYR A 176 -9.50 -9.50 -7.91
CA TYR A 176 -8.33 -8.77 -7.43
C TYR A 176 -8.42 -8.23 -6.01
N LEU A 177 -8.35 -9.14 -5.06
CA LEU A 177 -8.41 -8.80 -3.63
C LEU A 177 -7.07 -9.30 -3.07
N HIS A 178 -6.33 -8.42 -2.40
CA HIS A 178 -5.03 -8.83 -1.86
C HIS A 178 -4.85 -8.52 -0.38
N TRP A 179 -3.91 -9.22 0.21
CA TRP A 179 -3.61 -9.02 1.62
C TRP A 179 -2.19 -8.55 1.80
N TYR A 180 -2.05 -7.45 2.52
CA TYR A 180 -0.74 -6.89 2.78
C TYR A 180 -0.50 -6.94 4.28
N LEU A 181 0.76 -7.15 4.67
CA LEU A 181 1.12 -7.17 6.09
C LEU A 181 2.14 -6.08 6.27
N GLN A 182 1.98 -5.31 7.34
CA GLN A 182 2.89 -4.22 7.68
C GLN A 182 3.36 -4.38 9.11
N LYS A 183 4.61 -4.77 9.28
CA LYS A 183 5.18 -4.94 10.60
C LYS A 183 5.57 -3.58 11.16
N PRO A 184 5.58 -3.44 12.49
CA PRO A 184 5.93 -2.20 13.17
C PRO A 184 7.10 -1.43 12.57
N GLY A 185 6.88 -0.14 12.31
CA GLY A 185 7.91 0.70 11.76
C GLY A 185 8.35 0.32 10.36
N GLN A 186 7.79 -0.77 9.84
CA GLN A 186 8.16 -1.20 8.49
C GLN A 186 7.17 -0.82 7.40
N SER A 187 7.56 -1.17 6.18
CA SER A 187 6.77 -0.91 5.01
C SER A 187 5.79 -2.07 4.84
N PRO A 188 4.62 -1.82 4.28
CA PRO A 188 3.73 -2.97 4.14
C PRO A 188 4.34 -3.93 3.13
N LYS A 189 3.87 -5.17 3.12
CA LYS A 189 4.36 -6.16 2.18
C LYS A 189 3.27 -7.10 1.68
N LEU A 190 3.43 -7.55 0.44
CA LEU A 190 2.44 -8.44 -0.14
C LEU A 190 2.52 -9.85 0.45
N LEU A 191 1.39 -10.36 0.92
CA LEU A 191 1.30 -11.70 1.50
C LEU A 191 0.56 -12.60 0.54
N ILE A 192 -0.66 -12.16 0.22
CA ILE A 192 -1.53 -12.89 -0.67
C ILE A 192 -2.12 -11.95 -1.73
N TYR A 193 -2.14 -12.42 -2.98
CA TYR A 193 -2.70 -11.65 -4.08
C TYR A 193 -3.78 -12.50 -4.73
N LYS A 194 -4.76 -11.83 -5.33
CA LYS A 194 -5.88 -12.48 -5.99
C LYS A 194 -6.58 -13.56 -5.16
N VAL A 195 -7.02 -13.16 -3.96
CA VAL A 195 -7.76 -14.00 -3.03
C VAL A 195 -7.02 -15.10 -2.26
N SER A 196 -6.30 -15.98 -2.95
CA SER A 196 -5.64 -17.07 -2.26
C SER A 196 -4.21 -17.44 -2.64
N ASN A 197 -3.56 -16.64 -3.48
CA ASN A 197 -2.20 -16.95 -3.88
C ASN A 197 -1.18 -16.33 -2.93
N ARG A 198 -0.31 -17.17 -2.35
CA ARG A 198 0.70 -16.67 -1.45
C ARG A 198 1.77 -16.00 -2.30
N PHE A 199 2.32 -14.88 -1.83
CA PHE A 199 3.40 -14.23 -2.57
C PHE A 199 4.66 -15.02 -2.23
N SER A 200 5.76 -14.71 -2.91
CA SER A 200 7.01 -15.41 -2.69
C SER A 200 7.52 -15.29 -1.26
N GLY A 201 7.95 -16.41 -0.68
CA GLY A 201 8.47 -16.42 0.66
C GLY A 201 7.45 -16.33 1.78
N VAL A 202 6.18 -16.44 1.42
CA VAL A 202 5.12 -16.38 2.41
C VAL A 202 4.73 -17.79 2.84
N PRO A 203 4.91 -18.12 4.12
CA PRO A 203 4.60 -19.42 4.71
C PRO A 203 3.20 -19.92 4.39
N ASP A 204 2.99 -21.21 4.61
CA ASP A 204 1.71 -21.84 4.35
C ASP A 204 0.70 -21.66 5.46
N ARG A 205 1.15 -21.13 6.60
CA ARG A 205 0.21 -20.92 7.69
C ARG A 205 -0.77 -19.81 7.29
N PHE A 206 -0.38 -19.01 6.31
CA PHE A 206 -1.25 -17.96 5.79
C PHE A 206 -2.05 -18.59 4.67
N SER A 207 -3.34 -18.25 4.57
CA SER A 207 -4.16 -18.80 3.50
C SER A 207 -5.43 -17.98 3.36
N GLY A 208 -5.62 -17.43 2.16
CA GLY A 208 -6.79 -16.61 1.90
C GLY A 208 -7.93 -17.35 1.25
N SER A 209 -9.14 -16.83 1.38
CA SER A 209 -10.32 -17.47 0.80
C SER A 209 -11.45 -16.46 0.67
N GLY A 210 -12.57 -16.92 0.13
CA GLY A 210 -13.71 -16.05 -0.04
C GLY A 210 -14.06 -15.81 -1.51
N SER A 211 -15.12 -15.07 -1.75
CA SER A 211 -15.56 -14.78 -3.12
C SER A 211 -16.51 -13.60 -3.20
N GLY A 212 -16.55 -12.99 -4.39
CA GLY A 212 -17.41 -11.86 -4.66
C GLY A 212 -17.33 -10.66 -3.74
N THR A 213 -17.84 -10.83 -2.53
CA THR A 213 -17.86 -9.75 -1.56
C THR A 213 -17.30 -10.17 -0.20
N ASP A 214 -17.05 -11.46 -0.03
CA ASP A 214 -16.54 -11.99 1.23
C ASP A 214 -15.14 -12.61 1.16
N PHE A 215 -14.25 -12.20 2.06
CA PHE A 215 -12.89 -12.73 2.06
C PHE A 215 -12.33 -12.84 3.47
N THR A 216 -11.56 -13.91 3.69
CA THR A 216 -10.97 -14.17 4.99
C THR A 216 -9.50 -14.57 4.90
N LEU A 217 -8.71 -14.02 5.80
CA LEU A 217 -7.30 -14.33 5.88
C LEU A 217 -7.18 -15.17 7.14
N LYS A 218 -6.53 -16.32 7.03
CA LYS A 218 -6.37 -17.18 8.19
C LYS A 218 -4.93 -17.52 8.43
N ILE A 219 -4.53 -17.51 9.69
CA ILE A 219 -3.16 -17.82 10.07
C ILE A 219 -3.26 -18.96 11.08
N SER A 220 -3.10 -20.18 10.58
CA SER A 220 -3.20 -21.38 11.42
C SER A 220 -2.40 -21.28 12.71
N ARG A 221 -1.20 -20.72 12.62
CA ARG A 221 -0.33 -20.61 13.78
C ARG A 221 0.35 -19.24 13.83
N VAL A 222 -0.11 -18.37 14.71
CA VAL A 222 0.50 -17.04 14.79
C VAL A 222 1.88 -17.09 15.41
N GLU A 223 2.79 -16.33 14.83
CA GLU A 223 4.17 -16.26 15.29
C GLU A 223 4.68 -14.84 15.36
N ALA A 224 5.67 -14.62 16.21
CA ALA A 224 6.24 -13.30 16.40
C ALA A 224 6.51 -12.52 15.11
N GLU A 225 6.92 -13.24 14.06
CA GLU A 225 7.21 -12.54 12.80
C GLU A 225 5.94 -12.11 12.11
N ASP A 226 4.80 -12.65 12.54
CA ASP A 226 3.51 -12.34 11.96
C ASP A 226 2.75 -11.16 12.56
N LEU A 227 3.17 -10.70 13.74
CA LEU A 227 2.48 -9.58 14.38
C LEU A 227 2.66 -8.28 13.59
N GLY A 228 1.60 -7.48 13.54
CA GLY A 228 1.63 -6.23 12.81
C GLY A 228 0.23 -5.93 12.30
N VAL A 229 0.11 -5.09 11.28
CA VAL A 229 -1.21 -4.79 10.76
C VAL A 229 -1.44 -5.37 9.37
N TYR A 230 -2.60 -6.00 9.20
CA TYR A 230 -2.97 -6.62 7.94
C TYR A 230 -3.97 -5.75 7.19
N PHE A 231 -3.70 -5.52 5.91
CA PHE A 231 -4.58 -4.71 5.08
C PHE A 231 -5.03 -5.48 3.86
N CYS A 232 -6.34 -5.54 3.64
CA CYS A 232 -6.81 -6.18 2.43
C CYS A 232 -6.95 -4.99 1.50
N SER A 233 -6.97 -5.25 0.20
CA SER A 233 -7.09 -4.21 -0.80
C SER A 233 -7.74 -4.76 -2.05
N GLN A 234 -8.54 -3.92 -2.71
CA GLN A 234 -9.19 -4.37 -3.93
C GLN A 234 -8.66 -3.54 -5.08
N SER A 235 -8.48 -4.17 -6.24
CA SER A 235 -7.99 -3.45 -7.41
C SER A 235 -8.71 -3.88 -8.68
N THR A 236 -9.84 -4.59 -8.52
CA THR A 236 -10.57 -5.01 -9.71
C THR A 236 -11.45 -3.83 -10.15
N HIS A 237 -11.50 -2.80 -9.30
CA HIS A 237 -12.27 -1.59 -9.59
C HIS A 237 -11.36 -0.38 -9.39
N VAL A 238 -11.66 0.71 -10.09
CA VAL A 238 -10.86 1.91 -9.99
C VAL A 238 -11.71 3.05 -9.45
N PRO A 239 -11.19 3.80 -8.47
CA PRO A 239 -9.86 3.66 -7.86
C PRO A 239 -9.64 2.37 -7.10
N TYR A 240 -8.47 2.27 -6.50
CA TYR A 240 -8.07 1.13 -5.69
C TYR A 240 -8.30 1.52 -4.25
N THR A 241 -8.84 0.59 -3.48
CA THR A 241 -9.16 0.87 -2.09
C THR A 241 -8.55 -0.12 -1.10
N PHE A 242 -8.37 0.34 0.14
CA PHE A 242 -7.80 -0.49 1.19
C PHE A 242 -8.73 -0.62 2.38
N GLY A 243 -8.63 -1.73 3.10
CA GLY A 243 -9.45 -1.90 4.27
C GLY A 243 -8.83 -1.04 5.35
N GLY A 244 -9.56 -0.80 6.42
CA GLY A 244 -9.05 0.02 7.51
C GLY A 244 -7.89 -0.62 8.23
N GLY A 245 -7.70 -1.92 8.04
CA GLY A 245 -6.61 -2.62 8.69
C GLY A 245 -7.01 -3.43 9.90
N THR A 246 -6.28 -4.51 10.17
CA THR A 246 -6.53 -5.36 11.32
C THR A 246 -5.21 -5.61 11.99
N LYS A 247 -5.11 -5.13 13.23
CA LYS A 247 -3.90 -5.24 14.01
C LYS A 247 -3.78 -6.50 14.84
N LEU A 248 -2.75 -7.28 14.55
CA LEU A 248 -2.50 -8.53 15.26
C LEU A 248 -1.40 -8.25 16.28
N GLU A 249 -1.72 -8.39 17.55
CA GLU A 249 -0.77 -8.14 18.63
C GLU A 249 -1.00 -9.17 19.72
N ILE A 250 -0.03 -9.37 20.60
CA ILE A 250 -0.24 -10.37 21.65
C ILE A 250 -0.76 -9.75 22.94
N LYS A 251 -1.49 -10.57 23.66
CA LYS A 251 -2.10 -10.17 24.92
C LYS A 251 -1.07 -9.77 25.95
C1 MMA B . -5.30 -3.76 -14.74
C2 MMA B . -5.61 -5.23 -15.07
C3 MMA B . -6.87 -5.64 -14.35
C4 MMA B . -7.07 -4.68 -13.14
C5 MMA B . -7.31 -3.28 -13.66
C6 MMA B . -6.98 -2.26 -12.57
C7 MMA B . -4.04 -1.86 -15.25
O1 MMA B . -4.33 -3.19 -15.66
O2 MMA B . -4.50 -6.04 -14.64
O3 MMA B . -6.76 -6.99 -13.89
O4 MMA B . -8.16 -5.12 -12.33
O5 MMA B . -6.51 -3.01 -14.83
O6 MMA B . -7.09 -0.94 -13.12
MG MG C . -12.55 -10.48 -20.34
MG MG D . -6.94 11.97 -13.15
MG MG E . -10.96 8.20 -15.70
MG MG F . -5.22 -14.41 -16.41
#